data_3G2T
#
_entry.id   3G2T
#
_cell.length_a   55.800
_cell.length_b   68.300
_cell.length_c   100.600
_cell.angle_alpha   90.00
_cell.angle_beta   90.00
_cell.angle_gamma   90.00
#
_symmetry.space_group_name_H-M   'P 21 21 21'
#
loop_
_entity.id
_entity.type
_entity.pdbx_description
1 polymer 'ADP-ribosylation factor-binding protein GGA1'
2 polymer 'Phosphorylated C-terminal fragment of Sortilin-related receptor'
3 non-polymer 'IODIDE ION'
4 water water
#
loop_
_entity_poly.entity_id
_entity_poly.type
_entity_poly.pdbx_seq_one_letter_code
_entity_poly.pdbx_strand_id
1 'polypeptide(L)'
;GSMEPAMEPETLEARINRATNPLNKELDWASINGFCEQLNEDFEGPPLATRLLAHKIQSPQEWEAIQALTVLETCMKSCG
KRFHDEVGKFRFLNELIKVVSPKYLGSRTSEKVKNKILELLYSWTVGLPEEVKIAEAYQMLKKQGIVKS
;
A,B
2 'polypeptide(L)' ITGF(SEP)DDVPMVIA C,D
#
loop_
_chem_comp.id
_chem_comp.type
_chem_comp.name
_chem_comp.formula
IOD non-polymer 'IODIDE ION' 'I -1'
#
# COMPACT_ATOMS: atom_id res chain seq x y z
N PRO A 9 17.47 -20.11 -3.57
CA PRO A 9 16.56 -19.62 -2.54
C PRO A 9 16.53 -18.10 -2.47
N GLU A 10 15.33 -17.53 -2.46
CA GLU A 10 15.16 -16.09 -2.59
C GLU A 10 14.60 -15.46 -1.31
N THR A 11 14.59 -14.14 -1.27
CA THR A 11 14.07 -13.43 -0.12
C THR A 11 12.54 -13.56 -0.09
N LEU A 12 11.92 -13.23 1.04
CA LEU A 12 10.47 -13.16 1.09
C LEU A 12 9.96 -12.16 0.06
N GLU A 13 10.69 -11.05 -0.04
CA GLU A 13 10.40 -10.01 -1.01
C GLU A 13 10.29 -10.57 -2.42
N ALA A 14 11.36 -11.19 -2.91
CA ALA A 14 11.35 -11.72 -4.27
C ALA A 14 10.24 -12.76 -4.47
N ARG A 15 9.97 -13.57 -3.45
CA ARG A 15 8.97 -14.64 -3.56
C ARG A 15 7.55 -14.08 -3.64
N ILE A 16 7.25 -13.11 -2.78
CA ILE A 16 5.95 -12.43 -2.82
C ILE A 16 5.73 -11.66 -4.14
N ASN A 17 6.80 -11.10 -4.69
CA ASN A 17 6.72 -10.37 -5.95
C ASN A 17 6.41 -11.30 -7.13
N ARG A 18 6.93 -12.53 -7.07
CA ARG A 18 6.53 -13.59 -8.01
C ARG A 18 5.07 -14.00 -7.79
N ALA A 19 4.76 -14.36 -6.55
CA ALA A 19 3.46 -14.96 -6.22
C ALA A 19 2.28 -14.01 -6.45
N THR A 20 2.56 -12.72 -6.56
CA THR A 20 1.50 -11.70 -6.68
C THR A 20 1.67 -10.78 -7.89
N ASN A 21 2.57 -11.15 -8.79
CA ASN A 21 2.84 -10.39 -10.00
C ASN A 21 1.54 -10.14 -10.79
N PRO A 22 1.22 -8.86 -11.07
CA PRO A 22 0.13 -8.49 -11.95
C PRO A 22 0.17 -9.14 -13.33
N LEU A 23 1.36 -9.50 -13.80
CA LEU A 23 1.52 -10.16 -15.10
C LEU A 23 1.20 -11.67 -15.12
N ASN A 24 1.09 -12.29 -13.95
CA ASN A 24 0.80 -13.72 -13.88
C ASN A 24 -0.51 -14.01 -14.60
N LYS A 25 -0.50 -15.03 -15.45
CA LYS A 25 -1.68 -15.37 -16.23
C LYS A 25 -2.65 -16.22 -15.41
N GLU A 26 -2.13 -16.88 -14.39
CA GLU A 26 -2.93 -17.67 -13.45
C GLU A 26 -2.17 -17.76 -12.13
N LEU A 27 -2.84 -18.25 -11.10
CA LEU A 27 -2.20 -18.45 -9.79
C LEU A 27 -0.88 -19.20 -9.96
N ASP A 28 0.18 -18.70 -9.34
CA ASP A 28 1.51 -19.32 -9.42
C ASP A 28 1.78 -20.12 -8.15
N TRP A 29 1.32 -21.36 -8.15
CA TRP A 29 1.25 -22.14 -6.93
C TRP A 29 2.65 -22.50 -6.42
N ALA A 30 3.60 -22.69 -7.33
CA ALA A 30 4.98 -22.90 -6.92
C ALA A 30 5.49 -21.76 -6.04
N SER A 31 5.23 -20.52 -6.46
CA SER A 31 5.74 -19.35 -5.76
C SER A 31 4.92 -19.04 -4.51
N ILE A 32 3.60 -19.28 -4.57
CA ILE A 32 2.73 -19.16 -3.40
C ILE A 32 3.17 -20.13 -2.30
N ASN A 33 3.24 -21.42 -2.63
CA ASN A 33 3.61 -22.44 -1.66
C ASN A 33 5.03 -22.23 -1.11
N GLY A 34 5.96 -21.87 -1.98
CA GLY A 34 7.32 -21.53 -1.55
C GLY A 34 7.40 -20.36 -0.61
N PHE A 35 6.52 -19.37 -0.79
CA PHE A 35 6.43 -18.25 0.16
C PHE A 35 6.02 -18.71 1.56
N CYS A 36 4.92 -19.46 1.65
CA CYS A 36 4.52 -20.09 2.91
C CYS A 36 5.64 -20.91 3.56
N GLU A 37 6.30 -21.75 2.76
CA GLU A 37 7.44 -22.53 3.24
C GLU A 37 8.52 -21.64 3.83
N GLN A 38 8.89 -20.58 3.13
CA GLN A 38 10.05 -19.76 3.50
C GLN A 38 9.81 -18.84 4.71
N LEU A 39 8.57 -18.42 4.94
CA LEU A 39 8.32 -17.39 5.95
C LEU A 39 8.69 -17.87 7.35
N ASN A 40 8.77 -19.19 7.54
CA ASN A 40 9.10 -19.74 8.86
C ASN A 40 10.58 -20.01 9.02
N GLU A 41 11.35 -19.75 7.97
CA GLU A 41 12.77 -20.10 7.95
C GLU A 41 13.57 -19.40 9.05
N ASP A 42 13.41 -18.09 9.20
CA ASP A 42 14.02 -17.47 10.38
C ASP A 42 13.07 -16.72 11.30
N PHE A 43 13.61 -16.25 12.43
CA PHE A 43 12.79 -15.87 13.58
C PHE A 43 11.82 -14.76 13.19
N GLU A 44 12.30 -13.85 12.35
CA GLU A 44 11.57 -12.64 12.03
C GLU A 44 10.86 -12.74 10.69
N GLY A 45 10.87 -13.95 10.11
CA GLY A 45 10.22 -14.18 8.82
C GLY A 45 8.73 -13.86 8.83
N PRO A 46 7.98 -14.46 9.78
CA PRO A 46 6.54 -14.30 9.82
C PRO A 46 6.04 -12.85 9.92
N PRO A 47 6.63 -12.04 10.82
CA PRO A 47 6.28 -10.61 10.87
C PRO A 47 6.60 -9.87 9.57
N LEU A 48 7.70 -10.23 8.92
CA LEU A 48 7.99 -9.70 7.59
C LEU A 48 6.97 -10.12 6.55
N ALA A 49 6.61 -11.40 6.53
CA ALA A 49 5.63 -11.92 5.58
C ALA A 49 4.32 -11.14 5.65
N THR A 50 3.92 -10.83 6.89
CA THR A 50 2.67 -10.16 7.18
C THR A 50 2.73 -8.67 6.80
N ARG A 51 3.87 -8.04 7.05
CA ARG A 51 4.14 -6.70 6.52
C ARG A 51 4.00 -6.65 5.00
N LEU A 52 4.64 -7.61 4.33
CA LEU A 52 4.65 -7.67 2.88
C LEU A 52 3.24 -8.01 2.34
N LEU A 53 2.57 -8.98 2.94
CA LEU A 53 1.20 -9.31 2.54
C LEU A 53 0.25 -8.11 2.64
N ALA A 54 0.38 -7.36 3.72
CA ALA A 54 -0.53 -6.25 3.99
C ALA A 54 -0.44 -5.19 2.93
N HIS A 55 0.77 -4.91 2.47
CA HIS A 55 0.97 -3.95 1.39
C HIS A 55 0.38 -4.45 0.07
N LYS A 56 0.70 -5.68 -0.32
CA LYS A 56 0.15 -6.27 -1.54
C LYS A 56 -1.39 -6.26 -1.56
N ILE A 57 -2.00 -6.53 -0.40
CA ILE A 57 -3.45 -6.67 -0.31
C ILE A 57 -4.16 -5.32 -0.51
N GLN A 58 -3.45 -4.24 -0.19
CA GLN A 58 -3.94 -2.89 -0.41
C GLN A 58 -3.64 -2.31 -1.78
N SER A 59 -3.24 -3.18 -2.72
CA SER A 59 -3.00 -2.73 -4.09
C SER A 59 -4.26 -2.23 -4.80
N PRO A 60 -4.16 -1.07 -5.47
CA PRO A 60 -5.27 -0.66 -6.33
C PRO A 60 -5.44 -1.57 -7.54
N GLN A 61 -4.46 -2.45 -7.76
CA GLN A 61 -4.52 -3.41 -8.87
C GLN A 61 -5.14 -4.71 -8.42
N GLU A 62 -6.37 -4.97 -8.86
CA GLU A 62 -7.19 -5.99 -8.25
C GLU A 62 -6.51 -7.37 -8.22
N TRP A 63 -5.88 -7.76 -9.33
CA TRP A 63 -5.27 -9.08 -9.44
C TRP A 63 -4.05 -9.24 -8.53
N GLU A 64 -3.33 -8.14 -8.29
CA GLU A 64 -2.24 -8.16 -7.32
C GLU A 64 -2.77 -8.46 -5.92
N ALA A 65 -3.80 -7.73 -5.51
CA ALA A 65 -4.48 -7.93 -4.23
C ALA A 65 -5.13 -9.31 -4.07
N ILE A 66 -5.81 -9.78 -5.12
CA ILE A 66 -6.50 -11.09 -5.10
C ILE A 66 -5.50 -12.24 -4.94
N GLN A 67 -4.37 -12.16 -5.64
CA GLN A 67 -3.32 -13.16 -5.51
C GLN A 67 -2.70 -13.15 -4.13
N ALA A 68 -2.54 -11.97 -3.55
CA ALA A 68 -1.96 -11.82 -2.23
C ALA A 68 -2.91 -12.36 -1.16
N LEU A 69 -4.20 -12.13 -1.32
CA LEU A 69 -5.19 -12.78 -0.46
C LEU A 69 -5.17 -14.31 -0.53
N THR A 70 -4.96 -14.84 -1.72
CA THR A 70 -4.75 -16.29 -1.90
C THR A 70 -3.47 -16.81 -1.21
N VAL A 71 -2.40 -16.03 -1.26
CA VAL A 71 -1.23 -16.34 -0.44
C VAL A 71 -1.56 -16.38 1.05
N LEU A 72 -2.07 -15.28 1.59
CA LEU A 72 -2.56 -15.23 2.97
C LEU A 72 -3.40 -16.47 3.35
N GLU A 73 -4.42 -16.75 2.55
CA GLU A 73 -5.32 -17.87 2.80
C GLU A 73 -4.55 -19.18 2.89
N THR A 74 -3.64 -19.37 1.94
CA THR A 74 -2.87 -20.61 1.82
C THR A 74 -1.94 -20.83 3.01
N CYS A 75 -1.22 -19.79 3.41
CA CYS A 75 -0.29 -19.93 4.52
C CYS A 75 -1.04 -20.10 5.84
N MET A 76 -2.18 -19.42 5.98
CA MET A 76 -2.99 -19.57 7.18
C MET A 76 -3.52 -21.00 7.35
N LYS A 77 -3.73 -21.72 6.25
CA LYS A 77 -4.29 -23.06 6.32
C LYS A 77 -3.31 -24.07 6.93
N SER A 78 -2.04 -23.69 7.00
CA SER A 78 -1.00 -24.62 7.42
C SER A 78 -0.50 -24.29 8.83
N CYS A 79 0.07 -25.30 9.49
CA CYS A 79 0.48 -25.19 10.89
C CYS A 79 1.58 -24.16 11.01
N GLY A 80 1.50 -23.36 12.07
CA GLY A 80 2.47 -22.30 12.32
C GLY A 80 1.97 -21.27 13.31
N LYS A 81 2.39 -21.39 14.57
CA LYS A 81 2.00 -20.43 15.60
C LYS A 81 2.40 -18.98 15.33
N ARG A 82 3.67 -18.75 14.98
CA ARG A 82 4.15 -17.37 14.83
C ARG A 82 3.36 -16.64 13.76
N PHE A 83 3.14 -17.30 12.62
CA PHE A 83 2.37 -16.67 11.53
C PHE A 83 0.89 -16.51 11.90
N HIS A 84 0.31 -17.52 12.55
CA HIS A 84 -1.07 -17.40 13.03
C HIS A 84 -1.20 -16.20 13.97
N ASP A 85 -0.22 -16.04 14.86
CA ASP A 85 -0.21 -14.94 15.84
C ASP A 85 0.00 -13.57 15.20
N GLU A 86 0.88 -13.47 14.20
CA GLU A 86 1.08 -12.18 13.51
C GLU A 86 -0.17 -11.69 12.79
N VAL A 87 -0.80 -12.59 12.03
CA VAL A 87 -2.06 -12.28 11.35
C VAL A 87 -3.18 -11.98 12.35
N GLY A 88 -3.09 -12.57 13.54
CA GLY A 88 -4.11 -12.40 14.56
C GLY A 88 -3.88 -11.21 15.47
N LYS A 89 -2.94 -10.33 15.09
CA LYS A 89 -2.78 -9.03 15.72
C LYS A 89 -3.48 -7.93 14.93
N PHE A 90 -3.91 -6.87 15.63
CA PHE A 90 -4.51 -5.70 14.97
C PHE A 90 -3.50 -4.99 14.07
N ARG A 91 -2.22 -5.15 14.37
CA ARG A 91 -1.17 -4.60 13.51
C ARG A 91 -1.31 -5.07 12.06
N PHE A 92 -1.81 -6.30 11.87
CA PHE A 92 -2.11 -6.80 10.54
C PHE A 92 -3.60 -6.70 10.21
N LEU A 93 -4.46 -7.14 11.14
CA LEU A 93 -5.92 -7.06 10.93
C LEU A 93 -6.35 -5.66 10.50
N ASN A 94 -5.78 -4.63 11.10
CA ASN A 94 -6.10 -3.24 10.76
C ASN A 94 -5.86 -2.91 9.28
N GLU A 95 -4.82 -3.49 8.70
CA GLU A 95 -4.57 -3.34 7.27
C GLU A 95 -5.69 -3.94 6.42
N LEU A 96 -6.32 -5.00 6.92
CA LEU A 96 -7.49 -5.59 6.23
C LEU A 96 -8.76 -4.75 6.41
N ILE A 97 -8.97 -4.29 7.63
CA ILE A 97 -10.11 -3.44 7.97
C ILE A 97 -10.13 -2.19 7.08
N LYS A 98 -8.95 -1.67 6.74
CA LYS A 98 -8.86 -0.45 5.96
C LYS A 98 -9.34 -0.65 4.52
N VAL A 99 -9.20 -1.88 4.03
CA VAL A 99 -9.58 -2.23 2.65
C VAL A 99 -11.11 -2.32 2.53
N VAL A 100 -11.77 -2.83 3.56
CA VAL A 100 -13.22 -3.02 3.53
C VAL A 100 -14.01 -1.86 4.10
N SER A 101 -13.32 -0.91 4.73
CA SER A 101 -13.99 0.22 5.34
C SER A 101 -14.11 1.38 4.34
N PRO A 102 -15.32 1.93 4.17
CA PRO A 102 -15.53 3.12 3.32
C PRO A 102 -14.82 4.36 3.84
N LYS A 103 -14.42 4.38 5.11
CA LYS A 103 -13.70 5.54 5.61
C LYS A 103 -12.19 5.48 5.39
N TYR A 104 -11.71 4.36 4.88
CA TYR A 104 -10.32 4.26 4.47
C TYR A 104 -10.23 3.97 2.97
N LEU A 105 -10.01 2.71 2.61
CA LEU A 105 -9.80 2.34 1.21
C LEU A 105 -11.04 1.78 0.53
N GLY A 106 -12.09 1.56 1.31
CA GLY A 106 -13.21 0.72 0.88
C GLY A 106 -13.92 1.24 -0.34
N SER A 107 -13.88 2.57 -0.54
CA SER A 107 -14.65 3.19 -1.61
C SER A 107 -14.07 2.97 -2.99
N ARG A 108 -12.77 2.74 -3.07
CA ARG A 108 -12.18 2.38 -4.36
C ARG A 108 -11.56 0.98 -4.40
N THR A 109 -12.06 0.09 -3.54
CA THR A 109 -11.71 -1.34 -3.61
C THR A 109 -12.87 -2.14 -4.18
N SER A 110 -12.56 -3.06 -5.08
CA SER A 110 -13.62 -3.83 -5.73
C SER A 110 -14.34 -4.67 -4.69
N GLU A 111 -15.61 -4.94 -4.93
CA GLU A 111 -16.35 -5.79 -4.01
C GLU A 111 -15.78 -7.21 -3.93
N LYS A 112 -15.18 -7.68 -5.03
CA LYS A 112 -14.49 -8.98 -5.05
C LYS A 112 -13.45 -9.09 -3.95
N VAL A 113 -12.59 -8.09 -3.85
CA VAL A 113 -11.50 -8.10 -2.88
C VAL A 113 -12.06 -7.95 -1.46
N LYS A 114 -13.02 -7.05 -1.32
CA LYS A 114 -13.61 -6.80 -0.01
C LYS A 114 -14.35 -8.03 0.53
N ASN A 115 -15.14 -8.69 -0.31
CA ASN A 115 -15.87 -9.90 0.07
C ASN A 115 -14.94 -11.05 0.40
N LYS A 116 -13.84 -11.17 -0.35
CA LYS A 116 -12.84 -12.18 -0.08
C LYS A 116 -12.24 -12.01 1.32
N ILE A 117 -11.85 -10.77 1.65
CA ILE A 117 -11.38 -10.45 2.98
C ILE A 117 -12.42 -10.84 4.05
N LEU A 118 -13.69 -10.52 3.81
CA LEU A 118 -14.71 -10.85 4.81
C LEU A 118 -14.90 -12.36 4.96
N GLU A 119 -14.85 -13.08 3.83
CA GLU A 119 -15.00 -14.53 3.82
C GLU A 119 -13.87 -15.20 4.60
N LEU A 120 -12.65 -14.71 4.41
CA LEU A 120 -11.48 -15.26 5.08
C LEU A 120 -11.52 -15.04 6.58
N LEU A 121 -11.85 -13.81 6.98
CA LEU A 121 -11.96 -13.49 8.39
C LEU A 121 -12.96 -14.40 9.07
N TYR A 122 -14.14 -14.54 8.49
CA TYR A 122 -15.10 -15.46 9.06
C TYR A 122 -14.48 -16.85 9.23
N SER A 123 -13.84 -17.34 8.18
CA SER A 123 -13.32 -18.70 8.18
C SER A 123 -12.30 -18.88 9.32
N TRP A 124 -11.56 -17.83 9.65
CA TRP A 124 -10.60 -17.90 10.75
C TRP A 124 -11.24 -17.86 12.12
N THR A 125 -12.37 -17.18 12.25
CA THR A 125 -13.11 -17.17 13.52
C THR A 125 -13.54 -18.57 13.92
N VAL A 126 -13.80 -19.40 12.92
CA VAL A 126 -14.25 -20.78 13.11
C VAL A 126 -13.05 -21.71 13.22
N GLY A 127 -12.08 -21.52 12.33
CA GLY A 127 -10.99 -22.48 12.19
C GLY A 127 -9.89 -22.22 13.19
N LEU A 128 -9.81 -20.99 13.66
CA LEU A 128 -8.76 -20.62 14.61
C LEU A 128 -9.35 -19.81 15.76
N PRO A 129 -10.18 -20.45 16.60
CA PRO A 129 -10.86 -19.67 17.63
C PRO A 129 -9.91 -19.09 18.69
N GLU A 130 -8.67 -19.59 18.77
CA GLU A 130 -7.69 -19.06 19.72
C GLU A 130 -7.16 -17.67 19.36
N GLU A 131 -7.27 -17.29 18.09
CA GLU A 131 -6.89 -15.94 17.68
C GLU A 131 -8.04 -14.97 17.93
N VAL A 132 -8.21 -14.57 19.19
CA VAL A 132 -9.44 -13.92 19.61
C VAL A 132 -9.66 -12.55 18.99
N LYS A 133 -8.57 -11.89 18.59
CA LYS A 133 -8.67 -10.57 17.98
C LYS A 133 -9.21 -10.63 16.56
N ILE A 134 -9.13 -11.80 15.92
CA ILE A 134 -9.76 -11.95 14.61
C ILE A 134 -11.27 -11.94 14.80
N ALA A 135 -11.75 -12.55 15.88
CA ALA A 135 -13.19 -12.58 16.17
C ALA A 135 -13.67 -11.20 16.62
N GLU A 136 -12.84 -10.50 17.37
CA GLU A 136 -13.14 -9.14 17.76
C GLU A 136 -13.26 -8.22 16.55
N ALA A 137 -12.31 -8.33 15.62
CA ALA A 137 -12.39 -7.61 14.35
C ALA A 137 -13.70 -7.92 13.62
N TYR A 138 -14.04 -9.20 13.50
CA TYR A 138 -15.19 -9.62 12.71
C TYR A 138 -16.52 -9.19 13.34
N GLN A 139 -16.61 -9.28 14.66
CA GLN A 139 -17.77 -8.73 15.37
C GLN A 139 -17.89 -7.21 15.22
N MET A 140 -16.77 -6.49 15.18
CA MET A 140 -16.81 -5.03 14.94
C MET A 140 -17.38 -4.81 13.55
N LEU A 141 -16.93 -5.60 12.58
CA LEU A 141 -17.37 -5.40 11.19
C LEU A 141 -18.87 -5.64 11.02
N LYS A 142 -19.41 -6.60 11.78
CA LYS A 142 -20.86 -6.78 11.88
C LYS A 142 -21.59 -5.59 12.52
N LYS A 143 -21.06 -5.09 13.62
CA LYS A 143 -21.71 -4.00 14.34
C LYS A 143 -21.76 -2.73 13.50
N GLN A 144 -20.70 -2.50 12.73
CA GLN A 144 -20.59 -1.28 11.91
C GLN A 144 -21.30 -1.46 10.57
N GLY A 145 -21.80 -2.66 10.32
CA GLY A 145 -22.68 -2.91 9.19
C GLY A 145 -21.94 -3.34 7.94
N ILE A 146 -20.65 -3.61 8.05
CA ILE A 146 -19.88 -4.06 6.90
C ILE A 146 -20.21 -5.51 6.54
N VAL A 147 -20.27 -6.38 7.54
CA VAL A 147 -20.88 -7.70 7.41
C VAL A 147 -22.36 -7.55 7.79
N LYS A 148 -23.25 -7.47 6.80
CA LYS A 148 -23.41 -8.46 5.73
C LYS A 148 -24.61 -9.35 6.04
N PRO B 9 -1.02 -0.88 -26.33
CA PRO B 9 -0.05 -0.99 -25.26
C PRO B 9 0.38 0.38 -24.74
N GLU B 10 0.55 0.50 -23.42
CA GLU B 10 -0.06 -0.39 -22.45
C GLU B 10 -0.70 0.42 -21.33
N THR B 11 -1.22 -0.25 -20.31
CA THR B 11 -1.97 0.42 -19.24
C THR B 11 -1.07 1.24 -18.33
N LEU B 12 -1.66 2.21 -17.65
CA LEU B 12 -0.97 2.95 -16.59
C LEU B 12 -0.43 1.97 -15.56
N GLU B 13 -1.16 0.88 -15.34
CA GLU B 13 -0.75 -0.10 -14.33
C GLU B 13 0.52 -0.81 -14.76
N ALA B 14 0.51 -1.38 -15.96
CA ALA B 14 1.70 -2.01 -16.54
C ALA B 14 2.90 -1.07 -16.59
N ARG B 15 2.65 0.20 -16.89
CA ARG B 15 3.75 1.16 -17.04
C ARG B 15 4.42 1.47 -15.71
N ILE B 16 3.61 1.71 -14.68
CA ILE B 16 4.12 1.98 -13.33
C ILE B 16 4.84 0.77 -12.71
N ASN B 17 4.34 -0.44 -13.01
CA ASN B 17 5.00 -1.65 -12.52
C ASN B 17 6.39 -1.80 -13.13
N ARG B 18 6.51 -1.50 -14.43
CA ARG B 18 7.79 -1.56 -15.11
C ARG B 18 8.71 -0.45 -14.61
N ALA B 19 8.15 0.75 -14.48
CA ALA B 19 8.87 1.94 -14.04
C ALA B 19 9.41 1.87 -12.61
N THR B 20 8.84 0.99 -11.78
CA THR B 20 9.20 0.93 -10.35
C THR B 20 9.57 -0.48 -9.89
N ASN B 21 9.87 -1.35 -10.86
CA ASN B 21 10.17 -2.75 -10.54
C ASN B 21 11.40 -2.89 -9.64
N PRO B 22 11.22 -3.56 -8.49
CA PRO B 22 12.34 -3.76 -7.57
C PRO B 22 13.51 -4.55 -8.18
N LEU B 23 13.30 -5.15 -9.34
CA LEU B 23 14.34 -5.91 -10.03
C LEU B 23 15.21 -5.02 -10.92
N ASN B 24 14.73 -3.81 -11.23
CA ASN B 24 15.51 -2.87 -12.03
C ASN B 24 16.88 -2.62 -11.40
N LYS B 25 17.92 -2.75 -12.21
CA LYS B 25 19.29 -2.57 -11.74
C LYS B 25 19.64 -1.09 -11.69
N GLU B 26 19.00 -0.31 -12.55
CA GLU B 26 19.08 1.15 -12.51
C GLU B 26 17.76 1.78 -12.96
N LEU B 27 17.62 3.08 -12.77
CA LEU B 27 16.39 3.79 -13.15
C LEU B 27 16.01 3.49 -14.61
N ASP B 28 14.73 3.25 -14.84
CA ASP B 28 14.24 2.91 -16.17
C ASP B 28 13.54 4.14 -16.76
N TRP B 29 14.31 4.99 -17.44
CA TRP B 29 13.82 6.32 -17.82
C TRP B 29 12.72 6.31 -18.88
N ALA B 30 12.85 5.44 -19.87
CA ALA B 30 11.81 5.26 -20.88
C ALA B 30 10.45 4.85 -20.29
N SER B 31 10.48 3.96 -19.29
CA SER B 31 9.27 3.59 -18.55
C SER B 31 8.73 4.71 -17.66
N ILE B 32 9.63 5.39 -16.95
CA ILE B 32 9.23 6.54 -16.13
C ILE B 32 8.57 7.61 -17.01
N ASN B 33 9.22 7.95 -18.13
CA ASN B 33 8.68 9.00 -18.99
C ASN B 33 7.40 8.57 -19.70
N GLY B 34 7.38 7.32 -20.17
CA GLY B 34 6.18 6.71 -20.74
C GLY B 34 4.97 6.74 -19.83
N PHE B 35 5.19 6.57 -18.52
CA PHE B 35 4.12 6.74 -17.52
C PHE B 35 3.57 8.17 -17.51
N CYS B 36 4.45 9.16 -17.36
CA CYS B 36 3.99 10.56 -17.46
C CYS B 36 3.27 10.84 -18.79
N GLU B 37 3.76 10.25 -19.89
CA GLU B 37 3.17 10.46 -21.21
C GLU B 37 1.73 9.93 -21.34
N GLN B 38 1.37 8.97 -20.49
CA GLN B 38 0.10 8.27 -20.67
C GLN B 38 -1.03 8.73 -19.76
N LEU B 39 -0.69 9.53 -18.74
CA LEU B 39 -1.62 9.73 -17.64
C LEU B 39 -2.78 10.70 -17.84
N ASN B 40 -2.65 11.57 -18.80
CA ASN B 40 -3.77 12.30 -19.37
C ASN B 40 -4.70 11.54 -20.32
N GLU B 41 -4.84 10.23 -20.18
CA GLU B 41 -5.29 9.43 -21.32
C GLU B 41 -6.80 9.70 -21.38
N ASP B 42 -7.38 9.95 -20.20
CA ASP B 42 -8.68 10.63 -20.06
C ASP B 42 -8.66 11.37 -18.72
N PHE B 43 -9.80 11.94 -18.32
CA PHE B 43 -9.86 12.76 -17.08
C PHE B 43 -9.84 11.90 -15.80
N GLU B 44 -10.05 10.60 -15.94
CA GLU B 44 -9.83 9.68 -14.81
C GLU B 44 -8.37 9.29 -14.67
N GLY B 45 -7.56 9.60 -15.69
CA GLY B 45 -6.16 9.21 -15.71
C GLY B 45 -5.30 9.83 -14.61
N PRO B 46 -5.31 11.16 -14.50
CA PRO B 46 -4.50 11.79 -13.44
C PRO B 46 -4.79 11.25 -12.02
N PRO B 47 -6.07 11.18 -11.63
CA PRO B 47 -6.35 10.59 -10.31
C PRO B 47 -5.90 9.13 -10.20
N LEU B 48 -6.13 8.33 -11.23
CA LEU B 48 -5.67 6.94 -11.20
C LEU B 48 -4.17 6.89 -10.94
N ALA B 49 -3.41 7.69 -11.67
CA ALA B 49 -1.95 7.70 -11.58
C ALA B 49 -1.50 8.07 -10.17
N THR B 50 -2.24 8.97 -9.55
CA THR B 50 -1.97 9.46 -8.20
C THR B 50 -2.20 8.33 -7.13
N ARG B 51 -3.20 7.50 -7.38
CA ARG B 51 -3.51 6.36 -6.55
C ARG B 51 -2.46 5.24 -6.70
N LEU B 52 -2.04 5.01 -7.94
CA LEU B 52 -0.99 4.03 -8.23
C LEU B 52 0.34 4.44 -7.61
N LEU B 53 0.73 5.69 -7.83
CA LEU B 53 1.91 6.25 -7.18
C LEU B 53 1.90 6.12 -5.64
N ALA B 54 0.80 6.52 -5.00
CA ALA B 54 0.68 6.48 -3.55
C ALA B 54 0.99 5.08 -3.02
N HIS B 55 0.47 4.06 -3.70
CA HIS B 55 0.67 2.69 -3.26
C HIS B 55 2.15 2.29 -3.35
N LYS B 56 2.75 2.51 -4.52
CA LYS B 56 4.18 2.21 -4.69
C LYS B 56 5.04 2.93 -3.64
N ILE B 57 4.77 4.22 -3.44
CA ILE B 57 5.58 5.06 -2.54
C ILE B 57 5.58 4.53 -1.10
N GLN B 58 4.48 3.87 -0.72
CA GLN B 58 4.34 3.29 0.61
C GLN B 58 4.86 1.86 0.70
N SER B 59 5.58 1.41 -0.32
CA SER B 59 6.10 0.03 -0.30
C SER B 59 7.19 -0.20 0.75
N PRO B 60 7.09 -1.32 1.48
CA PRO B 60 8.17 -1.76 2.35
C PRO B 60 9.49 -1.95 1.62
N GLN B 61 9.41 -2.13 0.30
CA GLN B 61 10.61 -2.40 -0.49
C GLN B 61 11.22 -1.10 -1.00
N GLU B 62 12.35 -0.72 -0.41
CA GLU B 62 12.86 0.64 -0.57
C GLU B 62 13.03 1.04 -2.03
N TRP B 63 13.64 0.16 -2.83
CA TRP B 63 13.98 0.53 -4.22
C TRP B 63 12.71 0.74 -5.03
N GLU B 64 11.65 0.02 -4.66
CA GLU B 64 10.33 0.27 -5.25
C GLU B 64 9.78 1.66 -4.91
N ALA B 65 9.85 2.06 -3.64
CA ALA B 65 9.37 3.36 -3.21
C ALA B 65 10.20 4.50 -3.80
N ILE B 66 11.51 4.28 -3.87
CA ILE B 66 12.47 5.27 -4.37
C ILE B 66 12.27 5.54 -5.87
N GLN B 67 12.05 4.48 -6.63
CA GLN B 67 11.72 4.64 -8.04
C GLN B 67 10.38 5.35 -8.24
N ALA B 68 9.42 5.04 -7.37
CA ALA B 68 8.09 5.65 -7.44
C ALA B 68 8.14 7.16 -7.16
N LEU B 69 8.98 7.55 -6.21
CA LEU B 69 9.17 8.98 -5.93
C LEU B 69 9.81 9.70 -7.13
N THR B 70 10.67 8.98 -7.85
CA THR B 70 11.31 9.53 -9.03
C THR B 70 10.33 9.71 -10.18
N VAL B 71 9.36 8.80 -10.30
CA VAL B 71 8.26 8.97 -11.24
C VAL B 71 7.41 10.19 -10.86
N LEU B 72 6.99 10.26 -9.60
CA LEU B 72 6.17 11.37 -9.13
C LEU B 72 6.87 12.70 -9.40
N GLU B 73 8.16 12.75 -9.11
CA GLU B 73 8.95 13.97 -9.32
C GLU B 73 9.03 14.34 -10.81
N THR B 74 9.19 13.34 -11.66
CA THR B 74 9.30 13.55 -13.10
C THR B 74 7.98 14.02 -13.71
N CYS B 75 6.88 13.35 -13.35
CA CYS B 75 5.56 13.71 -13.86
C CYS B 75 5.06 15.08 -13.37
N MET B 76 5.45 15.47 -12.15
CA MET B 76 5.17 16.83 -11.71
C MET B 76 5.91 17.88 -12.55
N LYS B 77 7.15 17.57 -12.90
CA LYS B 77 7.92 18.41 -13.80
C LYS B 77 7.33 18.48 -15.21
N SER B 78 6.91 17.33 -15.75
CA SER B 78 6.52 17.30 -17.17
C SER B 78 5.03 17.49 -17.47
N CYS B 79 4.16 17.29 -16.46
CA CYS B 79 2.70 17.28 -16.66
C CYS B 79 2.04 18.58 -16.18
N GLY B 80 0.80 18.78 -16.60
CA GLY B 80 0.13 20.07 -16.46
C GLY B 80 -0.93 20.06 -15.37
N LYS B 81 -1.99 20.84 -15.57
CA LYS B 81 -2.85 21.26 -14.46
C LYS B 81 -3.56 20.12 -13.74
N ARG B 82 -4.17 19.22 -14.51
CA ARG B 82 -5.00 18.16 -13.92
C ARG B 82 -4.23 17.19 -13.02
N PHE B 83 -3.00 16.87 -13.41
CA PHE B 83 -2.13 16.06 -12.56
C PHE B 83 -1.62 16.84 -11.36
N HIS B 84 -1.21 18.09 -11.56
CA HIS B 84 -0.83 18.94 -10.43
C HIS B 84 -1.94 19.06 -9.37
N ASP B 85 -3.20 19.16 -9.84
CA ASP B 85 -4.34 19.37 -8.96
C ASP B 85 -4.64 18.15 -8.08
N GLU B 86 -4.45 16.95 -8.62
CA GLU B 86 -4.65 15.73 -7.86
C GLU B 86 -3.54 15.52 -6.82
N VAL B 87 -2.30 15.77 -7.21
CA VAL B 87 -1.18 15.72 -6.27
C VAL B 87 -1.33 16.75 -5.16
N GLY B 88 -1.93 17.89 -5.49
CA GLY B 88 -2.13 18.98 -4.53
C GLY B 88 -3.34 18.81 -3.61
N LYS B 89 -3.98 17.65 -3.67
CA LYS B 89 -5.10 17.34 -2.77
C LYS B 89 -4.59 16.58 -1.55
N PHE B 90 -5.24 16.76 -0.40
CA PHE B 90 -4.90 15.96 0.78
C PHE B 90 -5.16 14.48 0.55
N ARG B 91 -6.11 14.17 -0.32
CA ARG B 91 -6.39 12.81 -0.73
C ARG B 91 -5.10 12.09 -1.15
N PHE B 92 -4.17 12.85 -1.74
CA PHE B 92 -2.87 12.30 -2.13
C PHE B 92 -1.76 12.64 -1.12
N LEU B 93 -1.68 13.92 -0.76
CA LEU B 93 -0.73 14.43 0.21
C LEU B 93 -0.73 13.61 1.52
N ASN B 94 -1.92 13.29 2.02
CA ASN B 94 -2.03 12.46 3.22
C ASN B 94 -1.25 11.15 3.14
N GLU B 95 -1.16 10.58 1.93
CA GLU B 95 -0.45 9.32 1.74
C GLU B 95 1.07 9.47 1.87
N LEU B 96 1.58 10.62 1.45
CA LEU B 96 2.96 11.02 1.73
C LEU B 96 3.23 11.36 3.20
N ILE B 97 2.26 12.01 3.87
CA ILE B 97 2.37 12.32 5.29
C ILE B 97 2.44 11.07 6.18
N LYS B 98 1.60 10.08 5.87
CA LYS B 98 1.66 8.80 6.57
C LYS B 98 3.04 8.17 6.52
N VAL B 99 3.73 8.32 5.38
CA VAL B 99 5.05 7.72 5.18
C VAL B 99 6.15 8.34 6.05
N VAL B 100 6.06 9.65 6.28
CA VAL B 100 7.08 10.36 7.07
C VAL B 100 6.72 10.48 8.55
N SER B 101 5.47 10.19 8.89
CA SER B 101 5.00 10.37 10.27
C SER B 101 5.30 9.15 11.14
N PRO B 102 5.88 9.39 12.33
CA PRO B 102 6.10 8.33 13.31
C PRO B 102 4.79 7.71 13.81
N LYS B 103 3.71 8.46 13.73
CA LYS B 103 2.37 7.97 14.03
C LYS B 103 1.85 6.94 13.03
N TYR B 104 2.42 6.92 11.85
CA TYR B 104 1.96 6.03 10.80
C TYR B 104 3.05 5.05 10.37
N LEU B 105 3.62 5.27 9.19
CA LEU B 105 4.60 4.35 8.62
C LEU B 105 6.04 4.79 8.86
N GLY B 106 6.20 5.90 9.58
CA GLY B 106 7.50 6.57 9.67
C GLY B 106 8.59 5.74 10.31
N SER B 107 8.22 4.89 11.26
CA SER B 107 9.19 4.12 12.04
C SER B 107 9.89 3.04 11.22
N ARG B 108 9.21 2.53 10.19
CA ARG B 108 9.74 1.43 9.41
C ARG B 108 10.12 1.86 8.00
N THR B 109 10.03 3.16 7.75
CA THR B 109 10.44 3.75 6.48
C THR B 109 11.87 4.27 6.63
N SER B 110 12.69 4.02 5.62
CA SER B 110 14.09 4.44 5.65
C SER B 110 14.23 5.96 5.58
N GLU B 111 15.29 6.46 6.18
CA GLU B 111 15.63 7.88 6.14
C GLU B 111 15.73 8.39 4.69
N LYS B 112 16.23 7.54 3.81
CA LYS B 112 16.42 7.90 2.40
C LYS B 112 15.08 8.26 1.75
N VAL B 113 14.12 7.35 1.88
CA VAL B 113 12.78 7.57 1.34
C VAL B 113 12.14 8.81 1.95
N LYS B 114 12.14 8.88 3.28
CA LYS B 114 11.55 10.01 3.99
C LYS B 114 12.19 11.34 3.60
N ASN B 115 13.52 11.37 3.50
CA ASN B 115 14.21 12.57 3.06
C ASN B 115 13.78 13.02 1.67
N LYS B 116 13.65 12.07 0.74
CA LYS B 116 13.21 12.39 -0.61
C LYS B 116 11.79 12.99 -0.65
N ILE B 117 10.91 12.49 0.21
CA ILE B 117 9.55 13.03 0.28
C ILE B 117 9.53 14.48 0.81
N LEU B 118 10.29 14.75 1.87
CA LEU B 118 10.37 16.11 2.43
C LEU B 118 10.95 17.08 1.42
N GLU B 119 12.00 16.63 0.75
CA GLU B 119 12.66 17.42 -0.29
C GLU B 119 11.73 17.73 -1.46
N LEU B 120 10.98 16.73 -1.92
CA LEU B 120 9.99 16.96 -2.97
C LEU B 120 8.98 18.01 -2.53
N LEU B 121 8.47 17.85 -1.32
CA LEU B 121 7.38 18.69 -0.84
C LEU B 121 7.84 20.14 -0.79
N TYR B 122 9.06 20.34 -0.31
CA TYR B 122 9.70 21.65 -0.32
C TYR B 122 9.77 22.27 -1.72
N SER B 123 10.35 21.52 -2.66
CA SER B 123 10.58 22.05 -4.01
C SER B 123 9.27 22.47 -4.66
N TRP B 124 8.17 21.84 -4.23
CA TRP B 124 6.83 22.19 -4.73
C TRP B 124 6.24 23.43 -4.05
N THR B 125 6.62 23.70 -2.80
CA THR B 125 6.18 24.91 -2.12
C THR B 125 6.83 26.14 -2.74
N VAL B 126 8.00 25.92 -3.33
CA VAL B 126 8.75 26.97 -4.03
C VAL B 126 8.31 27.10 -5.49
N GLY B 127 8.24 25.97 -6.19
CA GLY B 127 7.95 25.96 -7.62
C GLY B 127 6.48 26.03 -7.98
N LEU B 128 5.61 25.60 -7.06
CA LEU B 128 4.17 25.70 -7.27
C LEU B 128 3.45 26.40 -6.10
N PRO B 129 3.65 27.73 -5.96
CA PRO B 129 3.12 28.50 -4.83
C PRO B 129 1.60 28.43 -4.69
N GLU B 130 0.93 27.96 -5.74
CA GLU B 130 -0.53 28.12 -5.85
C GLU B 130 -1.28 26.86 -5.44
N GLU B 131 -0.56 25.75 -5.32
CA GLU B 131 -1.08 24.60 -4.61
C GLU B 131 -0.95 24.87 -3.12
N VAL B 132 -1.99 25.46 -2.52
CA VAL B 132 -1.93 25.94 -1.15
C VAL B 132 -1.99 24.80 -0.11
N LYS B 133 -2.50 23.65 -0.52
CA LYS B 133 -2.59 22.50 0.38
C LYS B 133 -1.23 21.85 0.56
N ILE B 134 -0.41 21.88 -0.50
CA ILE B 134 0.99 21.47 -0.42
C ILE B 134 1.73 22.29 0.63
N ALA B 135 1.51 23.61 0.62
CA ALA B 135 2.10 24.50 1.61
C ALA B 135 1.57 24.22 3.01
N GLU B 136 0.25 24.10 3.12
CA GLU B 136 -0.39 23.64 4.35
C GLU B 136 0.32 22.42 4.93
N ALA B 137 0.49 21.37 4.12
CA ALA B 137 1.02 20.10 4.61
C ALA B 137 2.48 20.22 5.04
N TYR B 138 3.25 20.99 4.29
CA TYR B 138 4.67 21.20 4.60
C TYR B 138 4.82 22.02 5.88
N GLN B 139 3.92 22.99 6.06
CA GLN B 139 3.92 23.82 7.28
C GLN B 139 3.52 23.01 8.51
N MET B 140 2.60 22.07 8.34
CA MET B 140 2.24 21.11 9.38
C MET B 140 3.45 20.27 9.79
N LEU B 141 4.25 19.87 8.80
CA LEU B 141 5.41 19.00 9.04
C LEU B 141 6.51 19.69 9.82
N LYS B 142 6.74 20.98 9.53
CA LYS B 142 7.58 21.82 10.38
C LYS B 142 7.01 21.93 11.79
N LYS B 143 5.73 22.33 11.87
CA LYS B 143 5.02 22.41 13.14
C LYS B 143 5.19 21.13 13.97
N GLN B 144 5.08 19.98 13.30
CA GLN B 144 5.16 18.70 13.99
C GLN B 144 6.60 18.24 14.20
N GLY B 145 7.55 19.05 13.76
CA GLY B 145 8.97 18.84 14.07
C GLY B 145 9.62 17.77 13.21
N ILE B 146 8.90 17.30 12.21
CA ILE B 146 9.44 16.35 11.23
C ILE B 146 10.40 17.01 10.25
N VAL B 147 10.01 18.18 9.73
CA VAL B 147 10.92 19.04 8.98
C VAL B 147 11.47 20.17 9.86
N SEP C 5 2.12 -7.27 23.08
CA SEP C 5 2.05 -8.12 21.86
CB SEP C 5 0.66 -8.05 21.23
OG SEP C 5 -0.24 -8.97 21.84
C SEP C 5 3.12 -7.75 20.83
O SEP C 5 3.23 -8.39 19.79
P SEP C 5 -0.62 -8.55 23.35
O1P SEP C 5 -0.72 -6.95 23.48
O2P SEP C 5 -2.06 -9.20 23.72
O3P SEP C 5 0.48 -9.11 24.39
N ASP C 6 3.80 -6.63 21.05
CA ASP C 6 3.13 -5.41 21.49
C ASP C 6 2.28 -4.91 20.32
N ASP C 7 0.97 -4.89 20.52
CA ASP C 7 0.03 -4.67 19.43
C ASP C 7 -0.44 -3.23 19.46
N VAL C 8 -1.12 -2.82 18.40
CA VAL C 8 -1.80 -1.52 18.34
C VAL C 8 -3.32 -1.66 18.58
N PRO C 9 -3.99 -0.54 18.89
CA PRO C 9 -5.45 -0.57 19.01
C PRO C 9 -6.18 -0.94 17.71
N MET C 10 -7.33 -1.59 17.85
CA MET C 10 -8.16 -1.92 16.69
C MET C 10 -8.74 -0.65 16.07
N VAL C 11 -8.60 -0.52 14.76
CA VAL C 11 -9.28 0.53 14.00
C VAL C 11 -10.75 0.15 13.78
N ILE C 12 -11.64 1.11 13.96
CA ILE C 12 -13.09 0.89 13.73
C ILE C 12 -13.45 1.25 12.28
N ALA C 13 -14.12 0.33 11.60
CA ALA C 13 -14.42 0.46 10.18
C ALA C 13 -15.52 1.48 9.94
N SEP D 5 -14.55 19.94 -4.82
CA SEP D 5 -13.26 19.74 -4.09
CB SEP D 5 -13.18 20.67 -2.89
OG SEP D 5 -11.99 20.45 -2.14
C SEP D 5 -13.11 18.28 -3.65
O SEP D 5 -12.03 17.69 -3.77
P SEP D 5 -12.19 20.97 -0.63
O1P SEP D 5 -13.23 20.01 0.15
O2P SEP D 5 -10.78 20.97 0.17
O3P SEP D 5 -12.77 22.48 -0.65
N ASP D 6 -14.21 17.71 -3.16
CA ASP D 6 -14.34 16.26 -2.94
C ASP D 6 -13.25 15.74 -2.00
N ASP D 7 -12.51 16.66 -1.39
CA ASP D 7 -11.25 16.33 -0.75
C ASP D 7 -11.46 15.94 0.71
N VAL D 8 -10.50 15.21 1.27
CA VAL D 8 -10.53 14.83 2.68
C VAL D 8 -9.77 15.84 3.53
N PRO D 9 -10.00 15.82 4.86
CA PRO D 9 -9.18 16.60 5.79
C PRO D 9 -7.71 16.17 5.77
N MET D 10 -6.83 17.09 6.14
CA MET D 10 -5.41 16.79 6.35
C MET D 10 -5.21 15.87 7.56
N VAL D 11 -4.34 14.88 7.37
CA VAL D 11 -3.79 14.08 8.49
C VAL D 11 -2.67 14.83 9.20
N ILE D 12 -2.68 14.80 10.53
CA ILE D 12 -1.59 15.39 11.30
C ILE D 12 -0.48 14.37 11.53
N ALA D 13 0.75 14.74 11.15
CA ALA D 13 1.92 13.88 11.30
C ALA D 13 2.30 13.67 12.76
I IOD E . 5.54 -5.51 -0.31
I IOD F . -10.31 -13.25 -10.27
I IOD G . -0.25 0.45 -7.70
I IOD H . -4.33 4.97 7.83
I IOD I . -8.17 -21.76 9.23
I IOD J . -17.47 -1.62 17.76
I IOD K . -2.42 10.96 -23.49
I IOD L . 7.13 20.92 -10.28
#